data_8CM0
#
_entry.id   8CM0
#
_cell.length_a   37.006
_cell.length_b   81.931
_cell.length_c   101.371
_cell.angle_alpha   90.000
_cell.angle_beta   90.000
_cell.angle_gamma   90.000
#
_symmetry.space_group_name_H-M   'P 21 21 21'
#
loop_
_entity.id
_entity.type
_entity.pdbx_description
1 polymer 'Immunity protein RhsI2'
2 polymer 'Rhs-family protein'
3 non-polymer 1,2-ETHANEDIOL
4 non-polymer 'ACETATE ION'
5 water water
#
loop_
_entity_poly.entity_id
_entity_poly.type
_entity_poly.pdbx_seq_one_letter_code
_entity_poly.pdbx_strand_id
1 'polypeptide(L)'
;MNEFDFDSLLQRIDSSCFFSRMGLPDVLDSRVILIENVEKVFVNPTDAEFKGYYDSVEWLPTSMTQEDPFYKVKEVLPKE
LTGLRIRVNKAVMNATKGLSKDKFNYGPHDFSLAARNGICFAFREYVSEQYLHLGNKWEEVVGIYFSGHWPVGIAKDKIV
TI
;
B
2 'polypeptide(L)'
;MGSSHHHHHHSSGENLYFQGGSNCSTLDRIIGDANKVASRGGAITAKQAQILRDNLPVVQRRSVFQNQMARKEFVRDQHY
LMSQWEANTGRTWPTGATPHHIIPLESGGANKWWNLMPTHGTLPNHSLPGVPGPHAAGGVLRTTVQQSRKALPPGTITDL
RL
;
A
#
# COMPACT_ATOMS: atom_id res chain seq x y z
N PHE A 4 31.00 9.30 -1.16
CA PHE A 4 29.55 9.52 -1.49
C PHE A 4 29.32 10.99 -1.87
N ASP A 5 28.86 11.23 -3.09
CA ASP A 5 28.61 12.58 -3.67
C ASP A 5 27.09 12.78 -3.80
N PHE A 6 26.53 13.58 -2.89
CA PHE A 6 25.08 13.84 -2.81
C PHE A 6 24.61 14.67 -4.02
N ASP A 7 25.40 15.64 -4.48
CA ASP A 7 24.99 16.51 -5.61
C ASP A 7 24.99 15.69 -6.91
N SER A 8 25.93 14.77 -7.04
CA SER A 8 25.98 13.84 -8.21
C SER A 8 24.68 13.02 -8.25
N LEU A 9 24.19 12.55 -7.10
CA LEU A 9 22.89 11.85 -6.99
C LEU A 9 21.74 12.77 -7.42
N LEU A 10 21.69 14.01 -6.94
CA LEU A 10 20.61 14.96 -7.32
C LEU A 10 20.63 15.22 -8.84
N GLN A 11 21.79 15.40 -9.49
CA GLN A 11 21.81 15.62 -10.97
C GLN A 11 21.41 14.32 -11.70
N ARG A 12 21.84 13.14 -11.25
CA ARG A 12 21.33 11.83 -11.78
C ARG A 12 19.80 11.75 -11.67
N ILE A 13 19.22 12.09 -10.51
CA ILE A 13 17.75 12.14 -10.32
C ILE A 13 17.16 13.17 -11.28
N ASP A 14 17.86 14.30 -11.43
CA ASP A 14 17.42 15.46 -12.27
C ASP A 14 17.20 15.00 -13.72
N SER A 15 18.12 14.20 -14.27
CA SER A 15 18.10 13.80 -15.71
C SER A 15 17.55 12.37 -15.89
N SER A 16 16.88 11.81 -14.88
CA SER A 16 16.38 10.41 -14.93
C SER A 16 15.07 10.35 -15.73
N CYS A 17 14.65 9.14 -16.08
CA CYS A 17 13.35 8.84 -16.75
C CYS A 17 12.60 7.74 -16.00
N PHE A 18 12.21 8.01 -14.74
CA PHE A 18 11.68 6.98 -13.83
C PHE A 18 10.42 6.35 -14.45
N PHE A 19 10.35 5.02 -14.35
CA PHE A 19 9.22 4.14 -14.74
C PHE A 19 9.02 4.05 -16.27
N SER A 20 9.89 4.69 -17.06
CA SER A 20 9.78 4.80 -18.54
C SER A 20 9.96 3.44 -19.23
N ARG A 21 10.60 2.46 -18.59
CA ARG A 21 10.97 1.18 -19.27
C ARG A 21 10.23 0.00 -18.65
N MET A 22 9.20 0.28 -17.85
CA MET A 22 8.32 -0.75 -17.24
C MET A 22 7.78 -1.70 -18.32
N GLY A 23 7.98 -3.01 -18.15
CA GLY A 23 7.47 -4.04 -19.08
C GLY A 23 8.28 -4.19 -20.36
N LEU A 24 9.44 -3.53 -20.50
CA LEU A 24 10.37 -3.79 -21.63
C LEU A 24 11.41 -4.81 -21.16
N PRO A 25 11.73 -5.83 -21.99
CA PRO A 25 12.59 -6.95 -21.57
C PRO A 25 14.09 -6.65 -21.58
N ASP A 26 14.55 -5.69 -20.78
CA ASP A 26 15.96 -5.23 -20.72
C ASP A 26 16.83 -6.21 -19.91
N VAL A 27 18.12 -6.23 -20.22
CA VAL A 27 19.14 -7.00 -19.42
C VAL A 27 19.49 -6.17 -18.18
N LEU A 28 19.17 -6.72 -17.01
CA LEU A 28 19.64 -6.17 -15.72
C LEU A 28 20.47 -7.25 -14.99
N ASP A 29 20.91 -6.96 -13.79
CA ASP A 29 21.53 -7.95 -12.86
C ASP A 29 20.82 -9.30 -13.01
N SER A 30 21.57 -10.40 -12.97
CA SER A 30 21.05 -11.79 -12.94
C SER A 30 20.13 -11.99 -11.72
N ARG A 31 20.22 -11.13 -10.71
CA ARG A 31 19.36 -11.21 -9.50
C ARG A 31 17.94 -10.71 -9.80
N VAL A 32 17.69 -10.09 -10.95
CA VAL A 32 16.35 -9.50 -11.27
C VAL A 32 15.44 -10.59 -11.85
N ILE A 33 14.24 -10.74 -11.31
CA ILE A 33 13.11 -11.49 -11.95
C ILE A 33 12.16 -10.47 -12.58
N LEU A 34 12.08 -10.46 -13.91
CA LEU A 34 11.31 -9.45 -14.66
C LEU A 34 9.90 -9.97 -14.93
N ILE A 35 8.89 -9.28 -14.40
CA ILE A 35 7.47 -9.58 -14.68
C ILE A 35 6.95 -8.44 -15.55
N GLU A 36 5.98 -8.77 -16.42
CA GLU A 36 5.54 -7.91 -17.55
C GLU A 36 4.79 -6.67 -17.02
N ASN A 37 3.91 -6.82 -16.03
CA ASN A 37 3.00 -5.70 -15.65
C ASN A 37 2.41 -5.89 -14.24
N VAL A 38 1.75 -4.86 -13.73
CA VAL A 38 1.23 -4.87 -12.33
C VAL A 38 0.26 -6.05 -12.14
N GLU A 39 -0.53 -6.38 -13.16
CA GLU A 39 -1.49 -7.51 -13.13
C GLU A 39 -0.77 -8.79 -12.76
N LYS A 40 0.34 -9.10 -13.43
CA LYS A 40 1.06 -10.39 -13.29
C LYS A 40 1.88 -10.39 -11.99
N VAL A 41 2.10 -9.24 -11.35
CA VAL A 41 2.83 -9.22 -10.04
C VAL A 41 1.79 -9.35 -8.90
N PHE A 42 0.74 -8.54 -8.94
CA PHE A 42 -0.09 -8.21 -7.74
C PHE A 42 -1.53 -8.75 -7.80
N VAL A 43 -2.11 -9.00 -8.99
CA VAL A 43 -3.56 -9.35 -9.14
C VAL A 43 -3.71 -10.81 -9.56
N ASN A 44 -3.05 -11.23 -10.66
CA ASN A 44 -3.10 -12.63 -11.18
C ASN A 44 -1.69 -13.14 -11.42
N PRO A 45 -0.92 -13.39 -10.34
CA PRO A 45 0.42 -13.97 -10.46
C PRO A 45 0.40 -15.45 -10.86
N THR A 46 1.49 -15.91 -11.49
CA THR A 46 1.77 -17.32 -11.82
C THR A 46 3.21 -17.63 -11.39
N ASP A 47 3.48 -18.83 -10.86
CA ASP A 47 4.81 -19.11 -10.23
C ASP A 47 5.85 -19.47 -11.29
N ALA A 48 5.44 -19.63 -12.55
CA ALA A 48 6.34 -19.75 -13.74
C ALA A 48 7.07 -18.42 -13.92
N GLU A 49 6.32 -17.33 -14.05
CA GLU A 49 6.83 -15.94 -14.20
C GLU A 49 7.63 -15.51 -12.97
N PHE A 50 7.32 -16.05 -11.78
CA PHE A 50 8.04 -15.78 -10.50
C PHE A 50 9.20 -16.77 -10.35
N LYS A 51 9.22 -17.82 -11.19
CA LYS A 51 10.30 -18.84 -11.20
C LYS A 51 10.36 -19.55 -9.85
N GLY A 52 9.21 -19.90 -9.28
CA GLY A 52 9.09 -20.64 -8.00
C GLY A 52 9.13 -19.74 -6.76
N TYR A 53 9.59 -18.49 -6.87
CA TYR A 53 9.94 -17.63 -5.71
C TYR A 53 8.72 -16.90 -5.15
N TYR A 54 7.54 -17.08 -5.72
CA TYR A 54 6.36 -16.32 -5.27
C TYR A 54 6.14 -16.57 -3.78
N ASP A 55 6.31 -17.82 -3.33
CA ASP A 55 6.09 -18.23 -1.93
C ASP A 55 6.93 -17.33 -1.01
N SER A 56 8.12 -16.93 -1.47
CA SER A 56 9.20 -16.27 -0.70
C SER A 56 9.18 -14.72 -0.82
N VAL A 57 8.33 -14.13 -1.63
CA VAL A 57 8.53 -12.70 -1.97
C VAL A 57 7.96 -11.80 -0.87
N GLU A 58 8.65 -10.71 -0.58
CA GLU A 58 8.11 -9.61 0.26
C GLU A 58 8.14 -8.32 -0.56
N TRP A 59 7.03 -7.60 -0.64
CA TRP A 59 7.00 -6.28 -1.32
C TRP A 59 7.94 -5.33 -0.57
N LEU A 60 8.79 -4.64 -1.34
CA LEU A 60 9.59 -3.51 -0.84
C LEU A 60 8.61 -2.44 -0.35
N PRO A 61 9.04 -1.62 0.62
CA PRO A 61 8.16 -0.60 1.22
C PRO A 61 7.48 0.36 0.23
N THR A 62 6.20 0.63 0.43
CA THR A 62 5.44 1.52 -0.47
C THR A 62 4.73 2.59 0.36
N SER A 63 5.27 2.89 1.54
CA SER A 63 4.68 3.87 2.48
C SER A 63 5.72 4.28 3.52
N MET A 64 5.62 5.51 3.99
CA MET A 64 6.63 6.10 4.89
C MET A 64 6.61 5.40 6.25
N THR A 65 5.50 4.75 6.61
CA THR A 65 5.32 4.13 7.95
C THR A 65 5.87 2.70 7.96
N GLN A 66 6.39 2.21 6.83
CA GLN A 66 6.90 0.82 6.73
C GLN A 66 8.37 0.77 7.14
N GLU A 67 8.82 -0.42 7.53
CA GLU A 67 10.19 -0.69 8.03
C GLU A 67 11.13 -0.99 6.85
N ASP A 68 12.37 -0.52 6.95
CA ASP A 68 13.51 -0.93 6.09
C ASP A 68 13.71 -2.44 6.21
N PRO A 69 13.49 -3.24 5.15
CA PRO A 69 13.73 -4.69 5.25
C PRO A 69 15.22 -5.04 5.39
N PHE A 70 16.16 -4.17 4.98
CA PHE A 70 17.58 -4.56 4.86
C PHE A 70 18.38 -4.24 6.12
N TYR A 71 18.12 -3.10 6.75
CA TYR A 71 18.82 -2.66 7.96
C TYR A 71 17.79 -2.20 8.97
N LYS A 72 17.81 -2.79 10.16
CA LYS A 72 16.83 -2.47 11.23
C LYS A 72 17.56 -1.48 12.14
N VAL A 73 17.89 -0.30 11.60
CA VAL A 73 18.65 0.80 12.29
C VAL A 73 17.69 1.49 13.25
N LYS A 74 17.94 1.37 14.56
CA LYS A 74 17.13 1.99 15.63
C LYS A 74 17.75 3.33 16.05
N GLU A 75 19.02 3.56 15.69
CA GLU A 75 19.81 4.77 16.03
C GLU A 75 19.05 6.04 15.63
N VAL A 76 19.12 7.07 16.47
CA VAL A 76 18.87 8.49 16.09
C VAL A 76 19.80 8.85 14.93
N LEU A 77 19.25 9.41 13.85
CA LEU A 77 20.02 9.85 12.65
C LEU A 77 20.70 11.17 12.95
N PRO A 78 21.96 11.40 12.48
CA PRO A 78 22.56 12.73 12.42
C PRO A 78 21.61 13.75 11.78
N LYS A 79 21.62 15.00 12.25
CA LYS A 79 20.73 16.09 11.72
C LYS A 79 21.01 16.29 10.23
N GLU A 80 22.28 16.21 9.82
CA GLU A 80 22.69 16.34 8.40
C GLU A 80 21.86 15.35 7.57
N LEU A 81 21.78 14.10 8.03
CA LEU A 81 21.14 12.98 7.29
C LEU A 81 19.63 13.24 7.15
N THR A 82 18.98 13.65 8.24
CA THR A 82 17.58 14.13 8.23
C THR A 82 17.43 15.17 7.12
N GLY A 83 18.36 16.12 7.02
CA GLY A 83 18.36 17.18 5.99
C GLY A 83 18.51 16.62 4.58
N LEU A 84 19.43 15.68 4.38
CA LEU A 84 19.65 15.03 3.06
C LEU A 84 18.40 14.21 2.66
N ARG A 85 17.75 13.54 3.60
CA ARG A 85 16.61 12.63 3.28
C ARG A 85 15.44 13.48 2.75
N ILE A 86 15.20 14.66 3.33
CA ILE A 86 14.12 15.61 2.92
C ILE A 86 14.45 16.10 1.52
N ARG A 87 15.71 16.41 1.23
CA ARG A 87 16.13 16.93 -0.10
C ARG A 87 16.05 15.83 -1.19
N VAL A 88 16.39 14.57 -0.89
CA VAL A 88 16.30 13.48 -1.90
C VAL A 88 14.81 13.19 -2.15
N ASN A 89 13.98 13.25 -1.11
CA ASN A 89 12.52 13.03 -1.22
C ASN A 89 11.93 14.07 -2.19
N LYS A 90 12.26 15.35 -2.01
CA LYS A 90 11.70 16.43 -2.88
C LYS A 90 12.25 16.25 -4.31
N ALA A 91 13.52 15.91 -4.44
CA ALA A 91 14.14 15.64 -5.76
C ALA A 91 13.33 14.54 -6.46
N VAL A 92 13.06 13.43 -5.77
CA VAL A 92 12.37 12.28 -6.41
C VAL A 92 10.90 12.65 -6.66
N MET A 93 10.30 13.44 -5.78
CA MET A 93 8.89 13.91 -6.01
C MET A 93 8.85 14.78 -7.27
N ASN A 94 9.81 15.67 -7.49
CA ASN A 94 9.83 16.51 -8.72
C ASN A 94 10.12 15.66 -9.97
N ALA A 95 10.92 14.60 -9.88
CA ALA A 95 11.28 13.75 -11.05
C ALA A 95 10.16 12.74 -11.36
N THR A 96 9.06 12.71 -10.58
CA THR A 96 7.94 11.74 -10.74
C THR A 96 6.59 12.46 -10.93
N LYS A 97 6.59 13.74 -11.31
CA LYS A 97 5.33 14.45 -11.65
C LYS A 97 4.72 13.84 -12.94
N GLY A 98 3.39 13.76 -12.99
CA GLY A 98 2.61 13.41 -14.19
C GLY A 98 3.06 12.11 -14.84
N LEU A 99 3.14 11.04 -14.07
CA LEU A 99 3.37 9.69 -14.64
C LEU A 99 2.08 9.23 -15.30
N SER A 100 2.18 8.51 -16.42
CA SER A 100 1.03 7.79 -17.04
C SER A 100 0.40 6.91 -15.95
N LYS A 101 -0.91 6.82 -15.89
CA LYS A 101 -1.57 5.92 -14.90
C LYS A 101 -1.77 4.53 -15.51
N ASP A 102 -1.71 4.39 -16.83
CA ASP A 102 -2.15 3.14 -17.50
C ASP A 102 -1.27 1.98 -17.03
N LYS A 103 0.05 2.14 -17.07
CA LYS A 103 1.04 1.10 -16.64
C LYS A 103 0.90 0.78 -15.13
N PHE A 104 0.24 1.63 -14.34
CA PHE A 104 0.11 1.46 -12.87
C PHE A 104 -1.27 0.91 -12.50
N ASN A 105 -2.18 0.86 -13.46
CA ASN A 105 -3.61 0.49 -13.25
C ASN A 105 -3.88 -0.88 -13.85
N TYR A 106 -4.59 -1.72 -13.10
CA TYR A 106 -5.29 -2.90 -13.61
C TYR A 106 -6.65 -2.99 -12.93
N GLY A 107 -7.71 -3.13 -13.74
CA GLY A 107 -9.09 -3.32 -13.26
C GLY A 107 -9.39 -2.29 -12.18
N PRO A 108 -9.85 -2.70 -10.98
CA PRO A 108 -10.18 -1.74 -9.94
C PRO A 108 -8.96 -1.20 -9.15
N HIS A 109 -7.75 -1.68 -9.48
CA HIS A 109 -6.50 -1.42 -8.73
C HIS A 109 -5.67 -0.32 -9.40
N ASP A 110 -5.36 0.75 -8.65
CA ASP A 110 -4.42 1.80 -9.04
C ASP A 110 -3.17 1.71 -8.15
N PHE A 111 -1.98 1.48 -8.74
CA PHE A 111 -0.72 1.19 -8.01
C PHE A 111 0.18 2.41 -8.03
N SER A 112 -0.32 3.55 -8.50
CA SER A 112 0.52 4.73 -8.81
C SER A 112 1.02 5.38 -7.52
N LEU A 113 0.22 5.39 -6.44
CA LEU A 113 0.66 6.01 -5.17
C LEU A 113 1.69 5.09 -4.52
N ALA A 114 1.47 3.79 -4.55
CA ALA A 114 2.40 2.78 -4.01
C ALA A 114 3.78 2.94 -4.67
N ALA A 115 3.80 3.07 -6.00
CA ALA A 115 5.05 3.21 -6.79
C ALA A 115 5.75 4.52 -6.42
N ARG A 116 5.00 5.60 -6.28
CA ARG A 116 5.63 6.91 -6.03
C ARG A 116 6.19 6.98 -4.60
N ASN A 117 5.46 6.43 -3.63
CA ASN A 117 5.94 6.23 -2.25
C ASN A 117 7.17 5.30 -2.26
N GLY A 118 7.07 4.19 -2.98
CA GLY A 118 8.15 3.17 -3.03
C GLY A 118 9.48 3.72 -3.54
N ILE A 119 9.46 4.50 -4.62
CA ILE A 119 10.72 5.08 -5.19
C ILE A 119 11.29 6.13 -4.21
N CYS A 120 10.45 6.94 -3.55
CA CYS A 120 10.94 7.95 -2.57
C CYS A 120 11.51 7.23 -1.36
N PHE A 121 10.83 6.19 -0.87
CA PHE A 121 11.37 5.33 0.23
C PHE A 121 12.77 4.83 -0.15
N ALA A 122 12.92 4.23 -1.32
CA ALA A 122 14.20 3.58 -1.73
C ALA A 122 15.32 4.63 -1.75
N PHE A 123 15.05 5.83 -2.25
CA PHE A 123 16.08 6.91 -2.34
C PHE A 123 16.37 7.45 -0.95
N ARG A 124 15.38 7.64 -0.07
CA ARG A 124 15.67 8.09 1.32
C ARG A 124 16.59 7.08 2.00
N GLU A 125 16.29 5.78 1.91
CA GLU A 125 17.10 4.71 2.55
C GLU A 125 18.47 4.56 1.85
N TYR A 126 18.52 4.74 0.54
CA TYR A 126 19.81 4.73 -0.19
C TYR A 126 20.72 5.82 0.39
N VAL A 127 20.19 7.00 0.60
CA VAL A 127 21.00 8.12 1.15
C VAL A 127 21.46 7.74 2.56
N SER A 128 20.58 7.22 3.40
CA SER A 128 20.96 6.73 4.74
C SER A 128 22.08 5.69 4.61
N GLU A 129 21.90 4.72 3.73
CA GLU A 129 22.87 3.61 3.51
C GLU A 129 24.27 4.19 3.18
N GLN A 130 24.36 5.06 2.17
CA GLN A 130 25.64 5.60 1.62
C GLN A 130 26.28 6.58 2.61
N TYR A 131 25.46 7.38 3.28
CA TYR A 131 25.91 8.34 4.33
C TYR A 131 26.52 7.58 5.52
N LEU A 132 25.86 6.52 6.00
CA LEU A 132 26.31 5.78 7.22
C LEU A 132 27.18 4.56 6.89
N HIS A 133 27.47 4.30 5.60
CA HIS A 133 28.30 3.15 5.14
C HIS A 133 27.72 1.81 5.60
N LEU A 134 26.41 1.61 5.44
CA LEU A 134 25.70 0.40 5.95
C LEU A 134 25.84 -0.77 4.99
N GLY A 135 26.07 -0.52 3.70
CA GLY A 135 26.13 -1.60 2.69
C GLY A 135 25.67 -1.14 1.31
N ASN A 136 25.13 -2.06 0.54
CA ASN A 136 24.83 -1.82 -0.90
C ASN A 136 23.44 -2.38 -1.27
N LYS A 137 22.62 -2.79 -0.30
CA LYS A 137 21.28 -3.38 -0.61
C LYS A 137 20.43 -2.33 -1.33
N TRP A 138 20.46 -1.06 -0.91
CA TRP A 138 19.62 0.02 -1.52
C TRP A 138 20.23 0.52 -2.82
N GLU A 139 21.55 0.40 -2.96
CA GLU A 139 22.30 0.77 -4.20
C GLU A 139 21.78 -0.10 -5.36
N GLU A 140 21.62 -1.39 -5.12
CA GLU A 140 21.06 -2.37 -6.10
C GLU A 140 19.65 -1.94 -6.55
N VAL A 141 18.77 -1.59 -5.59
CA VAL A 141 17.34 -1.22 -5.83
C VAL A 141 17.26 0.07 -6.66
N VAL A 142 18.09 1.04 -6.33
CA VAL A 142 18.11 2.39 -6.95
C VAL A 142 18.64 2.30 -8.39
N GLY A 143 19.64 1.46 -8.63
CA GLY A 143 20.10 1.11 -9.98
C GLY A 143 18.93 0.65 -10.84
N ILE A 144 18.04 -0.18 -10.31
CA ILE A 144 16.90 -0.65 -11.14
C ILE A 144 16.00 0.56 -11.45
N TYR A 145 15.79 1.47 -10.49
CA TYR A 145 14.96 2.69 -10.71
C TYR A 145 15.58 3.54 -11.83
N PHE A 146 16.89 3.74 -11.78
CA PHE A 146 17.65 4.55 -12.76
C PHE A 146 17.55 3.89 -14.15
N SER A 147 17.40 2.56 -14.23
CA SER A 147 17.25 1.87 -15.54
C SER A 147 15.82 2.02 -16.08
N GLY A 148 14.89 2.62 -15.35
CA GLY A 148 13.54 2.89 -15.85
C GLY A 148 12.53 1.84 -15.45
N HIS A 149 12.92 0.95 -14.54
CA HIS A 149 12.02 -0.11 -14.04
C HIS A 149 11.56 0.18 -12.60
N TRP A 150 10.62 -0.63 -12.14
CA TRP A 150 10.07 -0.62 -10.76
C TRP A 150 10.42 -1.91 -10.04
N PRO A 151 11.45 -1.93 -9.17
CA PRO A 151 11.68 -3.05 -8.26
C PRO A 151 10.63 -3.07 -7.15
N VAL A 152 9.83 -4.13 -7.10
CA VAL A 152 8.58 -4.22 -6.27
C VAL A 152 8.76 -5.15 -5.07
N GLY A 153 9.74 -6.04 -5.10
CA GLY A 153 9.75 -7.23 -4.24
C GLY A 153 11.14 -7.82 -4.09
N ILE A 154 11.39 -8.40 -2.93
CA ILE A 154 12.63 -9.14 -2.56
C ILE A 154 12.20 -10.56 -2.24
N ALA A 155 12.89 -11.52 -2.84
CA ALA A 155 12.64 -12.97 -2.69
C ALA A 155 14.02 -13.63 -2.67
N LYS A 156 14.54 -13.85 -1.47
CA LYS A 156 15.92 -14.32 -1.20
C LYS A 156 16.89 -13.25 -1.73
N ASP A 157 17.76 -13.62 -2.68
CA ASP A 157 18.75 -12.71 -3.32
C ASP A 157 18.19 -12.19 -4.66
N LYS A 158 16.92 -12.45 -4.98
CA LYS A 158 16.27 -11.94 -6.21
C LYS A 158 15.56 -10.62 -5.90
N ILE A 159 15.43 -9.76 -6.91
CA ILE A 159 14.59 -8.51 -6.91
C ILE A 159 13.53 -8.67 -7.99
N VAL A 160 12.27 -8.78 -7.59
CA VAL A 160 11.14 -8.84 -8.55
C VAL A 160 10.91 -7.42 -9.09
N THR A 161 10.83 -7.27 -10.42
CA THR A 161 10.67 -5.93 -11.03
C THR A 161 9.75 -5.98 -12.25
N ILE A 162 9.10 -4.85 -12.47
CA ILE A 162 8.36 -4.53 -13.72
C ILE A 162 9.25 -3.62 -14.58
N CYS B 24 -22.99 -7.36 -10.12
CA CYS B 24 -22.73 -6.86 -8.73
C CYS B 24 -21.32 -6.24 -8.64
N SER B 25 -21.20 -5.05 -8.03
CA SER B 25 -19.92 -4.39 -7.64
C SER B 25 -19.25 -5.11 -6.46
N THR B 26 -17.97 -4.82 -6.20
CA THR B 26 -17.24 -5.33 -5.02
C THR B 26 -17.98 -4.88 -3.75
N LEU B 27 -18.37 -3.62 -3.69
CA LEU B 27 -19.05 -3.05 -2.50
C LEU B 27 -20.36 -3.81 -2.26
N ASP B 28 -21.17 -3.97 -3.31
CA ASP B 28 -22.46 -4.71 -3.20
C ASP B 28 -22.22 -6.10 -2.59
N ARG B 29 -21.18 -6.82 -3.03
CA ARG B 29 -20.90 -8.21 -2.54
C ARG B 29 -20.45 -8.21 -1.07
N ILE B 30 -19.56 -7.30 -0.68
CA ILE B 30 -19.17 -7.09 0.75
C ILE B 30 -20.41 -6.78 1.58
N ILE B 31 -21.30 -5.90 1.12
CA ILE B 31 -22.54 -5.53 1.89
C ILE B 31 -23.45 -6.75 2.01
N GLY B 32 -23.67 -7.45 0.88
CA GLY B 32 -24.45 -8.70 0.82
C GLY B 32 -23.91 -9.75 1.78
N ASP B 33 -22.60 -10.01 1.74
CA ASP B 33 -21.95 -11.01 2.63
C ASP B 33 -22.10 -10.58 4.10
N ALA B 34 -21.80 -9.32 4.43
CA ALA B 34 -21.86 -8.80 5.81
C ALA B 34 -23.28 -8.97 6.36
N ASN B 35 -24.32 -8.72 5.56
CA ASN B 35 -25.72 -8.78 6.06
C ASN B 35 -26.13 -10.19 6.48
N LYS B 36 -25.56 -11.22 5.85
CA LYS B 36 -25.84 -12.65 6.18
C LYS B 36 -25.43 -12.94 7.63
N VAL B 37 -24.45 -12.22 8.16
CA VAL B 37 -23.93 -12.46 9.54
C VAL B 37 -24.30 -11.29 10.47
N ALA B 38 -25.19 -10.39 10.06
CA ALA B 38 -25.66 -9.26 10.90
C ALA B 38 -26.51 -9.79 12.06
N SER B 39 -26.28 -9.27 13.28
CA SER B 39 -27.20 -9.43 14.43
C SER B 39 -28.62 -9.06 14.03
N ARG B 40 -29.61 -9.75 14.58
CA ARG B 40 -31.04 -9.41 14.40
C ARG B 40 -31.28 -7.96 14.83
N GLY B 41 -32.05 -7.20 14.05
CA GLY B 41 -32.28 -5.76 14.25
C GLY B 41 -31.04 -4.91 14.01
N GLY B 42 -30.07 -5.41 13.24
CA GLY B 42 -28.75 -4.79 13.05
C GLY B 42 -28.30 -4.81 11.61
N ALA B 43 -29.16 -5.24 10.69
CA ALA B 43 -28.85 -5.36 9.25
C ALA B 43 -28.34 -4.00 8.75
N ILE B 44 -27.52 -4.03 7.72
CA ILE B 44 -27.19 -2.81 6.94
C ILE B 44 -28.47 -2.35 6.24
N THR B 45 -28.86 -1.09 6.39
CA THR B 45 -30.08 -0.51 5.76
C THR B 45 -29.69 0.14 4.43
N ALA B 46 -30.73 0.45 3.63
CA ALA B 46 -30.64 1.16 2.34
C ALA B 46 -29.78 2.42 2.51
N LYS B 47 -30.11 3.22 3.53
CA LYS B 47 -29.42 4.51 3.84
C LYS B 47 -27.96 4.25 4.12
N GLN B 48 -27.70 3.33 5.04
CA GLN B 48 -26.32 3.01 5.44
C GLN B 48 -25.54 2.59 4.19
N ALA B 49 -26.14 1.76 3.31
CA ALA B 49 -25.47 1.22 2.10
C ALA B 49 -25.14 2.36 1.15
N GLN B 50 -26.04 3.34 1.03
CA GLN B 50 -25.83 4.49 0.12
C GLN B 50 -24.70 5.35 0.69
N ILE B 51 -24.68 5.56 2.01
CA ILE B 51 -23.60 6.36 2.65
C ILE B 51 -22.26 5.66 2.39
N LEU B 52 -22.16 4.36 2.66
CA LEU B 52 -20.95 3.55 2.35
C LEU B 52 -20.54 3.81 0.90
N ARG B 53 -21.48 3.65 -0.05
CA ARG B 53 -21.19 3.86 -1.50
C ARG B 53 -20.63 5.26 -1.73
N ASP B 54 -21.15 6.27 -1.03
CA ASP B 54 -20.84 7.70 -1.29
C ASP B 54 -19.52 8.09 -0.61
N ASN B 55 -19.27 7.60 0.61
CA ASN B 55 -18.17 8.10 1.47
C ASN B 55 -16.92 7.25 1.26
N LEU B 56 -17.06 6.00 0.83
CA LEU B 56 -15.97 5.02 0.82
C LEU B 56 -16.01 4.17 -0.44
N PRO B 57 -16.15 4.80 -1.64
CA PRO B 57 -16.12 4.05 -2.89
C PRO B 57 -14.74 3.51 -3.26
N VAL B 58 -13.69 4.28 -2.95
CA VAL B 58 -12.29 3.84 -3.21
C VAL B 58 -11.55 3.77 -1.88
N VAL B 59 -10.79 2.70 -1.71
CA VAL B 59 -10.06 2.39 -0.46
C VAL B 59 -8.57 2.32 -0.77
N GLN B 60 -7.77 2.63 0.24
CA GLN B 60 -6.29 2.67 0.22
C GLN B 60 -5.75 1.69 1.27
N ARG B 61 -5.11 0.61 0.80
CA ARG B 61 -4.39 -0.37 1.64
C ARG B 61 -3.52 0.34 2.69
N ARG B 62 -3.66 -0.08 3.96
CA ARG B 62 -2.91 0.48 5.11
C ARG B 62 -1.67 -0.37 5.34
N SER B 63 -0.58 0.25 5.79
CA SER B 63 0.58 -0.46 6.35
C SER B 63 0.17 -1.14 7.67
N VAL B 64 1.00 -2.06 8.13
CA VAL B 64 0.88 -2.71 9.47
C VAL B 64 0.75 -1.63 10.54
N PHE B 65 1.64 -0.65 10.51
CA PHE B 65 1.66 0.43 11.52
C PHE B 65 0.37 1.24 11.42
N GLN B 66 -0.06 1.61 10.22
CA GLN B 66 -1.27 2.44 10.03
C GLN B 66 -2.48 1.64 10.54
N ASN B 67 -2.51 0.32 10.30
CA ASN B 67 -3.59 -0.57 10.78
C ASN B 67 -3.60 -0.57 12.31
N GLN B 68 -2.43 -0.70 12.94
CA GLN B 68 -2.29 -0.65 14.42
C GLN B 68 -2.84 0.68 14.91
N MET B 69 -2.51 1.81 14.28
CA MET B 69 -3.04 3.12 14.75
C MET B 69 -4.57 3.20 14.49
N ALA B 70 -5.08 2.61 13.40
CA ALA B 70 -6.51 2.71 13.08
C ALA B 70 -7.31 1.92 14.12
N ARG B 71 -6.80 0.75 14.54
CA ARG B 71 -7.39 -0.09 15.61
C ARG B 71 -7.44 0.67 16.94
N LYS B 72 -6.36 1.35 17.31
CA LYS B 72 -6.30 2.20 18.53
C LYS B 72 -7.37 3.30 18.45
N GLU B 73 -7.43 4.00 17.31
CA GLU B 73 -8.48 5.04 17.07
C GLU B 73 -9.87 4.44 17.30
N PHE B 74 -10.12 3.20 16.88
CA PHE B 74 -11.45 2.57 17.02
C PHE B 74 -11.76 2.30 18.49
N VAL B 75 -10.80 1.70 19.21
CA VAL B 75 -10.93 1.38 20.65
C VAL B 75 -11.25 2.68 21.37
N ARG B 76 -10.61 3.75 20.95
CA ARG B 76 -10.83 5.08 21.54
C ARG B 76 -12.21 5.63 21.16
N ASP B 77 -12.73 5.40 19.95
CA ASP B 77 -13.98 6.08 19.54
C ASP B 77 -15.22 5.16 19.50
N GLN B 78 -15.11 3.88 19.84
CA GLN B 78 -16.19 2.93 19.44
C GLN B 78 -17.52 3.25 20.15
N HIS B 79 -17.52 3.76 21.39
CA HIS B 79 -18.77 4.09 22.13
C HIS B 79 -19.49 5.24 21.43
N TYR B 80 -18.75 6.26 21.01
CA TYR B 80 -19.28 7.39 20.25
C TYR B 80 -19.87 6.87 18.93
N LEU B 81 -19.13 5.98 18.26
CA LEU B 81 -19.52 5.43 16.93
C LEU B 81 -20.76 4.54 17.11
N MET B 82 -20.88 3.78 18.20
CA MET B 82 -22.13 2.98 18.43
C MET B 82 -23.36 3.86 18.71
N SER B 83 -23.23 4.92 19.51
CA SER B 83 -24.30 5.95 19.71
C SER B 83 -24.76 6.52 18.38
N GLN B 84 -23.82 6.85 17.52
CA GLN B 84 -24.13 7.44 16.21
C GLN B 84 -24.84 6.41 15.32
N TRP B 85 -24.44 5.15 15.39
CA TRP B 85 -25.14 4.05 14.68
C TRP B 85 -26.61 4.02 15.14
N GLU B 86 -26.83 4.09 16.45
CA GLU B 86 -28.21 4.06 17.03
C GLU B 86 -29.01 5.27 16.54
N ALA B 87 -28.43 6.47 16.64
CA ALA B 87 -29.11 7.75 16.32
C ALA B 87 -29.35 7.81 14.81
N ASN B 88 -28.46 7.27 13.98
CA ASN B 88 -28.56 7.48 12.51
C ASN B 88 -29.49 6.43 11.88
N THR B 89 -29.62 5.23 12.45
CA THR B 89 -30.47 4.16 11.87
C THR B 89 -31.81 4.07 12.64
N GLY B 90 -31.93 4.75 13.79
CA GLY B 90 -33.17 4.81 14.60
C GLY B 90 -33.45 3.49 15.29
N ARG B 91 -32.38 2.76 15.64
CA ARG B 91 -32.42 1.41 16.23
C ARG B 91 -31.49 1.36 17.44
N THR B 92 -31.81 0.47 18.38
CA THR B 92 -30.97 0.16 19.55
C THR B 92 -29.86 -0.75 19.07
N TRP B 93 -28.68 -0.62 19.65
CA TRP B 93 -27.53 -1.51 19.37
C TRP B 93 -27.88 -2.90 19.89
N PRO B 94 -27.94 -3.94 19.02
CA PRO B 94 -28.34 -5.28 19.44
C PRO B 94 -27.49 -5.74 20.62
N THR B 95 -28.18 -6.31 21.62
CA THR B 95 -27.66 -6.68 22.97
C THR B 95 -26.44 -7.59 22.81
N GLY B 96 -25.29 -7.15 23.32
CA GLY B 96 -24.03 -7.91 23.37
C GLY B 96 -23.33 -8.05 22.04
N ALA B 97 -23.79 -7.37 20.98
CA ALA B 97 -23.17 -7.50 19.64
C ALA B 97 -21.84 -6.76 19.62
N THR B 98 -20.82 -7.30 18.94
CA THR B 98 -19.52 -6.61 18.73
C THR B 98 -19.64 -5.82 17.44
N PRO B 99 -19.07 -4.59 17.40
CA PRO B 99 -19.03 -3.78 16.19
C PRO B 99 -17.99 -4.31 15.18
N HIS B 100 -18.46 -4.62 13.98
CA HIS B 100 -17.69 -5.17 12.83
C HIS B 100 -17.54 -4.04 11.80
N HIS B 101 -16.33 -3.79 11.31
CA HIS B 101 -16.07 -2.89 10.17
C HIS B 101 -16.51 -3.60 8.88
N ILE B 102 -17.35 -2.96 8.08
CA ILE B 102 -17.94 -3.57 6.86
C ILE B 102 -16.81 -3.67 5.82
N ILE B 103 -16.17 -2.53 5.54
CA ILE B 103 -14.86 -2.42 4.84
C ILE B 103 -13.79 -2.52 5.92
N PRO B 104 -12.97 -3.59 5.97
CA PRO B 104 -11.92 -3.71 6.97
C PRO B 104 -10.98 -2.50 7.02
N LEU B 105 -10.57 -2.15 8.24
CA LEU B 105 -9.52 -1.11 8.53
C LEU B 105 -8.27 -1.36 7.68
N GLU B 106 -7.76 -2.60 7.63
CA GLU B 106 -6.50 -2.97 6.92
C GLU B 106 -6.62 -2.64 5.42
N SER B 107 -7.82 -2.85 4.86
CA SER B 107 -8.17 -2.50 3.46
C SER B 107 -8.40 -0.99 3.27
N GLY B 108 -8.48 -0.21 4.34
CA GLY B 108 -8.74 1.23 4.19
C GLY B 108 -10.13 1.64 4.60
N GLY B 109 -10.84 0.76 5.32
CA GLY B 109 -12.13 1.07 5.95
C GLY B 109 -12.02 2.21 6.93
N ALA B 110 -13.14 2.86 7.22
CA ALA B 110 -13.23 4.05 8.09
C ALA B 110 -13.74 3.68 9.49
N ASN B 111 -13.32 4.47 10.48
CA ASN B 111 -13.90 4.41 11.85
C ASN B 111 -15.09 5.36 11.89
N LYS B 112 -16.17 4.95 11.25
CA LYS B 112 -17.37 5.80 11.06
C LYS B 112 -18.60 4.91 11.25
N TRP B 113 -19.66 5.45 11.86
CA TRP B 113 -20.84 4.66 12.27
C TRP B 113 -21.34 3.86 11.06
N TRP B 114 -21.32 4.46 9.88
CA TRP B 114 -21.89 3.86 8.64
C TRP B 114 -21.01 2.71 8.15
N ASN B 115 -19.80 2.56 8.68
CA ASN B 115 -18.92 1.39 8.37
C ASN B 115 -19.01 0.34 9.48
N LEU B 116 -19.94 0.46 10.43
CA LEU B 116 -20.12 -0.56 11.51
C LEU B 116 -21.41 -1.32 11.30
N MET B 117 -21.36 -2.59 11.65
CA MET B 117 -22.52 -3.50 11.66
C MET B 117 -22.37 -4.37 12.88
N PRO B 118 -23.41 -4.53 13.74
CA PRO B 118 -23.32 -5.41 14.90
C PRO B 118 -23.32 -6.88 14.42
N THR B 119 -22.53 -7.72 15.06
CA THR B 119 -22.38 -9.16 14.72
C THR B 119 -22.34 -10.01 15.99
N HIS B 120 -22.70 -11.28 15.87
CA HIS B 120 -22.85 -12.29 16.96
C HIS B 120 -21.60 -12.29 17.84
N GLY B 121 -20.41 -12.25 17.22
CA GLY B 121 -19.10 -12.11 17.89
C GLY B 121 -18.10 -11.32 17.06
N GLN B 147 -7.50 -16.36 -2.01
CA GLN B 147 -6.76 -17.22 -1.05
C GLN B 147 -5.25 -17.12 -1.27
N SER B 148 -4.82 -17.32 -2.52
CA SER B 148 -3.40 -17.56 -2.90
C SER B 148 -2.58 -16.26 -2.79
N ARG B 149 -3.09 -15.16 -3.33
CA ARG B 149 -2.26 -13.96 -3.66
C ARG B 149 -1.85 -13.24 -2.37
N LYS B 150 -0.56 -12.89 -2.26
CA LYS B 150 -0.02 -11.93 -1.27
C LYS B 150 -0.95 -10.73 -1.17
N ALA B 151 -1.10 -10.16 0.02
CA ALA B 151 -1.85 -8.89 0.22
C ALA B 151 -1.20 -7.81 -0.66
N LEU B 152 -2.02 -6.95 -1.23
CA LEU B 152 -1.65 -5.75 -2.01
C LEU B 152 -0.72 -4.88 -1.16
N PRO B 153 0.27 -4.19 -1.79
CA PRO B 153 1.15 -3.31 -1.04
C PRO B 153 0.39 -2.12 -0.47
N PRO B 154 0.80 -1.63 0.71
CA PRO B 154 0.24 -0.40 1.25
C PRO B 154 0.31 0.74 0.22
N GLY B 155 -0.76 1.53 0.13
CA GLY B 155 -0.88 2.65 -0.81
C GLY B 155 -1.66 2.25 -2.06
N THR B 156 -1.84 0.96 -2.32
CA THR B 156 -2.70 0.49 -3.42
C THR B 156 -4.09 1.10 -3.24
N ILE B 157 -4.61 1.79 -4.26
CA ILE B 157 -6.00 2.34 -4.27
C ILE B 157 -6.91 1.41 -5.08
N THR B 158 -8.01 0.93 -4.47
CA THR B 158 -9.01 0.04 -5.09
C THR B 158 -10.38 0.74 -5.17
N ASP B 159 -10.95 0.84 -6.38
CA ASP B 159 -12.32 1.33 -6.64
C ASP B 159 -13.28 0.15 -6.39
N LEU B 160 -14.10 0.25 -5.35
CA LEU B 160 -15.01 -0.83 -4.88
C LEU B 160 -16.29 -0.88 -5.73
N ARG B 161 -16.61 0.18 -6.46
CA ARG B 161 -17.91 0.22 -7.19
C ARG B 161 -17.72 -0.35 -8.60
N LEU B 162 -16.75 -1.25 -8.81
CA LEU B 162 -16.56 -2.01 -10.08
C LEU B 162 -16.75 -3.51 -9.83
#